data_7PK3
#
_entry.id   7PK3
#
_cell.length_a   60.068
_cell.length_b   71.502
_cell.length_c   78.358
_cell.angle_alpha   90.000
_cell.angle_beta   90.000
_cell.angle_gamma   90.000
#
_symmetry.space_group_name_H-M   'P 21 21 21'
#
loop_
_entity.id
_entity.type
_entity.pdbx_description
1 polymer 'Palmitoleoyl-protein carboxylesterase NOTUM'
2 non-polymer 'SULFATE ION'
3 non-polymer 2-acetamido-2-deoxy-beta-D-glucopyranose
4 non-polymer 1-[2,4-bis(chloranyl)-3-(trifluoromethyl)phenyl]-1,2,3-triazole
5 non-polymer 'DIMETHYL SULFOXIDE'
6 water water
#
_entity_poly.entity_id   1
_entity_poly.type   'polypeptide(L)'
_entity_poly.pdbx_seq_one_letter_code
;ETGSAQQLNEDLRLHLLLNTSVTCNDGSPAGYYLKESRGSRRWLLFLEGGWYCFNRENCDSRYDTMRRLMSSRDWPRTRT
GTGILSSQPEENPYWWNANMVFIPYCSSDVWSGASSKSEKNEYAFMGALIIQEVVRELLGRGLSGAKVLLLAGSSAGGTG
VLLNVDRVAEQLEKLGYPAIQVRGLADSGWFLDNKQYRHTDCVDTITCAPTEAIRRGIRYWNGVVPERCRRQFQEGEEWN
CFFGYKVYPTLRSPVFVVQWLFDEAQLTVDNVHLTGQPVQEGLRLYIQNLGRELRHTLKDVPASFAPACLSHEIIIRSHW
TDVQVKGTSLPRALHCWDRSLHDSHKASKTPLKGCPVHLVDSCPWPHCNPSCPTGTKHHHHHH
;
_entity_poly.pdbx_strand_id   A
#
loop_
_chem_comp.id
_chem_comp.type
_chem_comp.name
_chem_comp.formula
7T0 non-polymer 1-[2,4-bis(chloranyl)-3-(trifluoromethyl)phenyl]-1,2,3-triazole 'C9 H4 Cl2 F3 N3'
DMS non-polymer 'DIMETHYL SULFOXIDE' 'C2 H6 O S'
NAG D-saccharide, beta linking 2-acetamido-2-deoxy-beta-D-glucopyranose 'C8 H15 N O6'
SO4 non-polymer 'SULFATE ION' 'O4 S -2'
#
# COMPACT_ATOMS: atom_id res chain seq x y z
N ASP A 11 -19.20 7.78 6.71
CA ASP A 11 -19.84 6.47 6.73
C ASP A 11 -19.04 5.41 7.49
N LEU A 12 -17.74 5.61 7.72
CA LEU A 12 -16.93 4.64 8.45
C LEU A 12 -16.70 5.13 9.87
N ARG A 13 -16.99 4.27 10.86
CA ARG A 13 -16.93 4.63 12.27
C ARG A 13 -15.65 4.13 12.93
N LEU A 14 -15.04 4.98 13.75
CA LEU A 14 -13.79 4.65 14.41
C LEU A 14 -13.99 3.65 15.55
N HIS A 15 -13.10 2.66 15.59
CA HIS A 15 -12.95 1.76 16.71
C HIS A 15 -11.49 1.74 17.11
N LEU A 16 -11.19 2.17 18.34
CA LEU A 16 -9.83 2.03 18.84
C LEU A 16 -9.62 0.57 19.25
N LEU A 17 -8.38 0.09 19.09
CA LEU A 17 -8.12 -1.31 19.37
C LEU A 17 -8.38 -1.61 20.84
N LEU A 18 -9.08 -2.72 21.08
CA LEU A 18 -9.33 -3.18 22.45
C LEU A 18 -8.03 -3.60 23.12
N ASN A 19 -7.08 -4.12 22.36
CA ASN A 19 -5.75 -4.43 22.87
C ASN A 19 -4.96 -3.14 22.81
N THR A 20 -4.90 -2.42 23.94
CA THR A 20 -4.24 -1.13 23.98
C THR A 20 -2.72 -1.23 24.04
N SER A 21 -2.16 -2.43 24.01
CA SER A 21 -0.72 -2.60 23.84
C SER A 21 -0.29 -2.46 22.39
N VAL A 22 -1.23 -2.43 21.45
CA VAL A 22 -0.93 -2.25 20.04
C VAL A 22 -1.20 -0.78 19.74
N THR A 23 -0.13 -0.01 19.52
CA THR A 23 -0.22 1.43 19.61
C THR A 23 0.36 2.13 18.39
N CYS A 24 -0.08 3.36 18.22
CA CYS A 24 0.55 4.33 17.34
C CYS A 24 1.93 4.71 17.90
N ASN A 25 2.65 5.55 17.15
CA ASN A 25 4.02 5.91 17.53
C ASN A 25 4.12 6.40 18.97
N ASP A 26 3.16 7.22 19.42
CA ASP A 26 3.28 7.86 20.73
C ASP A 26 2.67 7.06 21.86
N GLY A 27 2.25 5.82 21.63
CA GLY A 27 1.66 5.02 22.67
C GLY A 27 0.15 5.12 22.77
N SER A 28 -0.48 6.03 22.01
CA SER A 28 -1.93 6.05 21.94
C SER A 28 -2.42 4.83 21.18
N PRO A 29 -3.64 4.35 21.46
CA PRO A 29 -4.10 3.12 20.79
C PRO A 29 -4.25 3.33 19.30
N ALA A 30 -3.86 2.31 18.54
CA ALA A 30 -4.18 2.30 17.12
C ALA A 30 -5.66 1.95 16.95
N GLY A 31 -6.12 1.88 15.70
CA GLY A 31 -7.53 1.60 15.50
C GLY A 31 -7.85 1.40 14.04
N TYR A 32 -9.15 1.40 13.75
CA TYR A 32 -9.63 1.23 12.39
C TYR A 32 -11.00 1.87 12.27
N TYR A 33 -11.36 2.25 11.04
CA TYR A 33 -12.70 2.76 10.75
C TYR A 33 -13.46 1.69 9.97
N LEU A 34 -14.70 1.43 10.36
CA LEU A 34 -15.44 0.31 9.80
C LEU A 34 -16.82 0.76 9.36
N LYS A 35 -17.23 0.31 8.18
CA LYS A 35 -18.63 0.35 7.76
C LYS A 35 -19.01 -1.05 7.32
N GLU A 36 -19.90 -1.69 8.08
CA GLU A 36 -20.31 -3.05 7.78
C GLU A 36 -21.32 -3.04 6.63
N SER A 37 -21.33 -4.15 5.90
CA SER A 37 -22.34 -4.41 4.86
C SER A 37 -22.85 -5.82 5.15
N ARG A 38 -23.97 -5.92 5.87
CA ARG A 38 -24.37 -7.18 6.47
C ARG A 38 -24.68 -8.27 5.45
N GLY A 39 -25.06 -7.92 4.23
CA GLY A 39 -25.31 -8.95 3.26
C GLY A 39 -24.10 -9.39 2.45
N SER A 40 -22.89 -9.00 2.84
CA SER A 40 -21.72 -9.24 2.02
C SER A 40 -20.67 -10.05 2.77
N ARG A 41 -20.03 -10.96 2.05
CA ARG A 41 -18.91 -11.71 2.58
C ARG A 41 -17.57 -11.22 2.05
N ARG A 42 -17.55 -10.03 1.45
CA ARG A 42 -16.31 -9.41 1.01
C ARG A 42 -15.86 -8.38 2.03
N TRP A 43 -14.57 -8.40 2.34
CA TRP A 43 -13.99 -7.47 3.30
C TRP A 43 -12.80 -6.77 2.66
N LEU A 44 -12.82 -5.43 2.67
CA LEU A 44 -11.75 -4.61 2.13
C LEU A 44 -11.08 -3.92 3.31
N LEU A 45 -9.81 -4.26 3.56
CA LEU A 45 -9.02 -3.62 4.60
C LEU A 45 -7.95 -2.77 3.93
N PHE A 46 -8.07 -1.45 4.08
CA PHE A 46 -7.22 -0.50 3.36
C PHE A 46 -6.18 0.11 4.29
N LEU A 47 -4.90 0.03 3.89
CA LEU A 47 -3.80 0.62 4.65
C LEU A 47 -3.49 2.02 4.11
N GLU A 48 -3.70 3.03 4.96
CA GLU A 48 -3.32 4.40 4.62
C GLU A 48 -1.81 4.52 4.42
N GLY A 49 -1.40 5.45 3.56
CA GLY A 49 0.00 5.78 3.35
C GLY A 49 0.39 7.07 4.06
N GLY A 50 1.59 7.56 3.72
CA GLY A 50 2.11 8.78 4.31
C GLY A 50 3.58 8.76 4.72
N TRP A 51 4.45 8.33 3.81
CA TRP A 51 5.91 8.34 4.02
C TRP A 51 6.24 7.52 5.28
N TYR A 52 7.17 8.00 6.11
CA TYR A 52 7.76 7.24 7.20
C TYR A 52 8.74 8.17 7.88
N CYS A 53 9.28 7.74 9.01
CA CYS A 53 10.40 8.44 9.62
C CYS A 53 11.37 7.40 10.17
N PHE A 54 12.68 7.67 10.08
CA PHE A 54 13.66 6.62 10.35
C PHE A 54 14.70 6.95 11.43
N ASN A 55 14.56 8.06 12.15
CA ASN A 55 15.40 8.32 13.32
C ASN A 55 14.66 9.25 14.27
N ARG A 56 15.25 9.46 15.45
CA ARG A 56 14.59 10.26 16.49
C ARG A 56 14.32 11.67 16.00
N GLU A 57 15.30 12.28 15.33
CA GLU A 57 15.18 13.67 14.94
C GLU A 57 14.10 13.86 13.87
N ASN A 58 14.06 12.99 12.86
CA ASN A 58 13.03 13.11 11.83
C ASN A 58 11.67 12.70 12.35
N CYS A 59 11.61 11.70 13.23
CA CYS A 59 10.31 11.35 13.83
C CYS A 59 9.80 12.47 14.74
N ASP A 60 10.70 13.15 15.47
CA ASP A 60 10.27 14.26 16.30
C ASP A 60 9.67 15.38 15.45
N SER A 61 10.26 15.64 14.29
CA SER A 61 9.73 16.67 13.39
CA SER A 61 9.71 16.69 13.42
C SER A 61 8.35 16.27 12.87
N ARG A 62 8.22 15.01 12.46
CA ARG A 62 6.93 14.50 12.02
C ARG A 62 5.89 14.57 13.13
N TYR A 63 6.30 14.39 14.38
CA TYR A 63 5.35 14.47 15.48
C TYR A 63 4.83 15.89 15.67
N ASP A 64 5.62 16.89 15.28
CA ASP A 64 5.21 18.28 15.44
C ASP A 64 4.18 18.70 14.40
N THR A 65 4.32 18.26 13.16
CA THR A 65 3.52 18.80 12.07
C THR A 65 2.75 17.75 11.28
N MET A 66 2.88 16.47 11.64
N MET A 66 2.86 16.48 11.66
CA MET A 66 2.12 15.40 11.01
CA MET A 66 2.11 15.39 11.03
C MET A 66 1.67 14.43 12.10
C MET A 66 1.64 14.43 12.10
N ARG A 67 1.10 14.98 13.18
CA ARG A 67 0.84 14.18 14.37
C ARG A 67 -0.23 13.12 14.15
N ARG A 68 -1.20 13.37 13.27
CA ARG A 68 -2.22 12.34 13.03
C ARG A 68 -1.62 11.07 12.45
N LEU A 69 -0.44 11.16 11.82
CA LEU A 69 0.28 9.99 11.33
C LEU A 69 1.14 9.35 12.41
N MET A 70 1.03 9.82 13.67
CA MET A 70 1.84 9.29 14.76
C MET A 70 1.03 9.07 16.03
N SER A 71 -0.28 9.28 16.02
CA SER A 71 -1.05 9.35 17.24
C SER A 71 -2.52 9.30 16.87
N SER A 72 -3.32 8.64 17.73
CA SER A 72 -4.77 8.64 17.56
C SER A 72 -5.47 9.70 18.40
N ARG A 73 -4.72 10.54 19.11
CA ARG A 73 -5.34 11.43 20.09
C ARG A 73 -6.31 12.40 19.43
N ASP A 74 -6.06 12.76 18.18
CA ASP A 74 -6.86 13.77 17.48
C ASP A 74 -7.67 13.19 16.34
N TRP A 75 -7.81 11.86 16.25
CA TRP A 75 -8.56 11.27 15.16
C TRP A 75 -10.05 11.61 15.28
N PRO A 76 -10.73 11.85 14.17
CA PRO A 76 -12.18 12.05 14.22
C PRO A 76 -12.91 10.73 14.39
N ARG A 77 -14.17 10.83 14.85
CA ARG A 77 -14.96 9.64 15.15
C ARG A 77 -15.42 8.93 13.88
N THR A 78 -15.45 9.61 12.75
CA THR A 78 -15.85 9.02 11.48
C THR A 78 -14.96 9.52 10.36
N ARG A 79 -14.98 8.78 9.25
CA ARG A 79 -14.38 9.21 8.00
C ARG A 79 -15.31 8.81 6.86
N THR A 80 -15.24 9.55 5.76
CA THR A 80 -16.03 9.24 4.59
C THR A 80 -15.23 8.30 3.69
N GLY A 81 -15.84 7.17 3.32
CA GLY A 81 -15.18 6.26 2.38
C GLY A 81 -15.22 6.82 0.97
N THR A 82 -14.07 6.86 0.32
CA THR A 82 -13.93 7.43 -1.00
C THR A 82 -13.24 6.44 -1.93
N GLY A 83 -13.50 6.59 -3.23
CA GLY A 83 -12.92 5.68 -4.22
C GLY A 83 -13.32 4.25 -3.95
N ILE A 84 -12.31 3.38 -3.82
CA ILE A 84 -12.56 1.96 -3.57
C ILE A 84 -13.22 1.73 -2.22
N LEU A 85 -13.16 2.71 -1.32
CA LEU A 85 -13.84 2.63 -0.03
C LEU A 85 -15.25 3.24 -0.04
N SER A 86 -15.71 3.73 -1.19
CA SER A 86 -17.06 4.27 -1.29
C SER A 86 -18.08 3.15 -1.40
N SER A 87 -19.24 3.36 -0.77
CA SER A 87 -20.36 2.42 -0.84
C SER A 87 -21.35 2.77 -1.94
N GLN A 88 -21.05 3.78 -2.76
CA GLN A 88 -21.91 4.16 -3.86
C GLN A 88 -21.42 3.50 -5.14
N PRO A 89 -22.24 2.69 -5.82
CA PRO A 89 -21.77 2.05 -7.07
C PRO A 89 -21.29 3.04 -8.11
N GLU A 90 -21.83 4.25 -8.12
CA GLU A 90 -21.41 5.26 -9.08
C GLU A 90 -19.93 5.63 -8.89
N GLU A 91 -19.47 5.72 -7.64
CA GLU A 91 -18.08 6.04 -7.34
C GLU A 91 -17.19 4.81 -7.27
N ASN A 92 -17.77 3.65 -6.94
CA ASN A 92 -17.03 2.42 -6.75
C ASN A 92 -17.74 1.29 -7.49
N PRO A 93 -17.50 1.16 -8.80
CA PRO A 93 -18.11 0.06 -9.54
C PRO A 93 -17.63 -1.31 -9.11
N TYR A 94 -16.48 -1.38 -8.45
CA TYR A 94 -15.86 -2.65 -8.15
C TYR A 94 -16.48 -3.34 -6.93
N TRP A 95 -16.38 -2.72 -5.75
CA TRP A 95 -16.70 -3.39 -4.50
C TRP A 95 -17.59 -2.54 -3.60
N TRP A 96 -18.55 -1.80 -4.19
CA TRP A 96 -19.35 -0.86 -3.41
C TRP A 96 -20.15 -1.52 -2.29
N ASN A 97 -20.45 -2.81 -2.39
CA ASN A 97 -21.25 -3.46 -1.36
C ASN A 97 -20.41 -4.20 -0.32
N ALA A 98 -19.09 -4.03 -0.34
CA ALA A 98 -18.24 -4.76 0.59
C ALA A 98 -18.29 -4.14 1.98
N ASN A 99 -17.89 -4.95 2.97
CA ASN A 99 -17.53 -4.41 4.27
C ASN A 99 -16.23 -3.61 4.12
N MET A 100 -16.25 -2.36 4.59
CA MET A 100 -15.17 -1.41 4.35
C MET A 100 -14.42 -1.12 5.64
N VAL A 101 -13.09 -1.22 5.59
CA VAL A 101 -12.24 -0.92 6.73
C VAL A 101 -11.11 -0.01 6.26
N PHE A 102 -10.95 1.13 6.92
CA PHE A 102 -9.82 2.04 6.69
C PHE A 102 -8.95 1.99 7.93
N ILE A 103 -7.69 1.57 7.76
CA ILE A 103 -6.76 1.44 8.89
C ILE A 103 -5.82 2.64 8.84
N PRO A 104 -5.94 3.60 9.75
CA PRO A 104 -5.02 4.75 9.73
C PRO A 104 -3.57 4.33 9.93
N TYR A 105 -2.70 5.04 9.23
CA TYR A 105 -1.26 4.83 9.32
C TYR A 105 -0.74 5.74 10.42
N CYS A 106 -0.39 5.15 11.55
CA CYS A 106 0.11 5.94 12.69
C CYS A 106 1.38 5.33 13.26
N SER A 107 2.08 4.51 12.47
CA SER A 107 3.30 3.84 12.90
C SER A 107 4.56 4.26 12.14
N SER A 108 4.45 5.01 11.04
CA SER A 108 5.59 5.66 10.39
C SER A 108 6.68 4.68 9.97
N ASP A 109 6.30 3.41 9.73
CA ASP A 109 7.26 2.33 9.55
C ASP A 109 6.96 1.50 8.30
N VAL A 110 6.21 2.06 7.34
CA VAL A 110 5.80 1.33 6.14
C VAL A 110 5.09 0.03 6.52
N TRP A 111 4.40 0.05 7.67
CA TRP A 111 3.62 -1.09 8.14
C TRP A 111 4.47 -2.31 8.47
N SER A 112 5.74 -2.10 8.79
CA SER A 112 6.66 -3.20 9.03
C SER A 112 7.02 -3.43 10.49
N GLY A 113 6.68 -2.52 11.39
CA GLY A 113 7.28 -2.54 12.71
C GLY A 113 6.64 -3.53 13.65
N ALA A 114 7.45 -4.02 14.60
CA ALA A 114 6.97 -4.83 15.71
C ALA A 114 7.73 -4.47 16.98
N SER A 115 7.70 -3.19 17.36
CA SER A 115 8.42 -2.72 18.54
C SER A 115 7.59 -1.73 19.34
N SER A 116 7.55 -1.92 20.65
CA SER A 116 6.78 -1.06 21.55
C SER A 116 7.62 0.12 22.04
N LYS A 117 6.92 1.19 22.43
CA LYS A 117 7.58 2.26 23.15
C LYS A 117 7.95 1.75 24.54
N SER A 118 9.15 2.11 25.01
CA SER A 118 9.70 1.56 26.24
C SER A 118 10.77 2.50 26.75
N GLU A 119 11.48 2.09 27.81
CA GLU A 119 12.58 2.91 28.33
C GLU A 119 13.70 3.09 27.31
N LYS A 120 13.80 2.21 26.31
CA LYS A 120 14.81 2.32 25.29
C LYS A 120 14.29 2.91 23.97
N ASN A 121 12.97 3.07 23.83
CA ASN A 121 12.36 3.51 22.58
C ASN A 121 11.42 4.67 22.86
N GLU A 122 11.74 5.85 22.30
CA GLU A 122 10.82 6.99 22.42
C GLU A 122 9.50 6.74 21.70
N TYR A 123 9.54 6.00 20.60
CA TYR A 123 8.36 5.74 19.78
C TYR A 123 8.15 4.24 19.64
N ALA A 124 6.87 3.85 19.50
CA ALA A 124 6.49 2.51 19.13
C ALA A 124 6.35 2.44 17.63
N PHE A 125 6.88 1.37 17.03
CA PHE A 125 6.70 1.12 15.60
C PHE A 125 6.03 -0.24 15.49
N MET A 126 4.71 -0.22 15.34
CA MET A 126 3.91 -1.44 15.47
C MET A 126 3.05 -1.74 14.24
N GLY A 127 3.44 -1.24 13.07
CA GLY A 127 2.59 -1.38 11.89
C GLY A 127 2.19 -2.82 11.58
N ALA A 128 3.14 -3.74 11.64
CA ALA A 128 2.80 -5.14 11.34
C ALA A 128 1.84 -5.71 12.38
N LEU A 129 1.97 -5.29 13.63
CA LEU A 129 1.10 -5.77 14.69
C LEU A 129 -0.26 -5.11 14.67
N ILE A 130 -0.33 -3.84 14.25
CA ILE A 130 -1.62 -3.18 14.08
C ILE A 130 -2.49 -3.96 13.09
N ILE A 131 -1.92 -4.33 11.94
CA ILE A 131 -2.69 -5.10 10.95
C ILE A 131 -3.20 -6.39 11.56
N GLN A 132 -2.31 -7.14 12.22
CA GLN A 132 -2.71 -8.39 12.86
C GLN A 132 -3.82 -8.19 13.88
N GLU A 133 -3.72 -7.12 14.68
CA GLU A 133 -4.72 -6.90 15.73
C GLU A 133 -6.06 -6.46 15.13
N VAL A 134 -6.04 -5.64 14.08
CA VAL A 134 -7.27 -5.28 13.40
C VAL A 134 -7.97 -6.53 12.88
N VAL A 135 -7.22 -7.41 12.20
CA VAL A 135 -7.81 -8.65 11.69
C VAL A 135 -8.42 -9.47 12.82
N ARG A 136 -7.68 -9.62 13.93
CA ARG A 136 -8.17 -10.40 15.05
C ARG A 136 -9.47 -9.82 15.61
N GLU A 137 -9.52 -8.51 15.79
CA GLU A 137 -10.73 -7.91 16.38
C GLU A 137 -11.90 -7.90 15.39
N LEU A 138 -11.62 -7.84 14.09
CA LEU A 138 -12.71 -7.87 13.11
C LEU A 138 -13.37 -9.24 13.02
N LEU A 139 -12.66 -10.32 13.38
CA LEU A 139 -13.24 -11.65 13.25
C LEU A 139 -14.52 -11.77 14.07
N GLY A 140 -14.58 -11.11 15.22
CA GLY A 140 -15.77 -11.07 16.05
C GLY A 140 -16.83 -10.09 15.61
N ARG A 141 -16.55 -9.29 14.59
CA ARG A 141 -17.50 -8.33 14.04
C ARG A 141 -18.00 -8.73 12.66
N GLY A 142 -17.80 -9.97 12.24
CA GLY A 142 -18.29 -10.47 10.98
C GLY A 142 -17.24 -11.01 10.03
N LEU A 143 -15.97 -10.65 10.23
CA LEU A 143 -14.93 -11.14 9.33
C LEU A 143 -14.83 -12.67 9.36
N SER A 144 -15.30 -13.31 10.44
CA SER A 144 -15.29 -14.77 10.50
C SER A 144 -16.13 -15.39 9.40
N GLY A 145 -17.11 -14.66 8.87
CA GLY A 145 -17.95 -15.15 7.81
C GLY A 145 -17.48 -14.80 6.42
N ALA A 146 -16.28 -14.23 6.29
CA ALA A 146 -15.83 -13.70 5.01
C ALA A 146 -15.47 -14.82 4.05
N LYS A 147 -15.63 -14.54 2.76
CA LYS A 147 -15.12 -15.36 1.68
C LYS A 147 -13.84 -14.80 1.07
N VAL A 148 -13.71 -13.48 0.99
CA VAL A 148 -12.52 -12.82 0.46
C VAL A 148 -12.16 -11.67 1.38
N LEU A 149 -10.90 -11.60 1.77
CA LEU A 149 -10.34 -10.45 2.47
C LEU A 149 -9.32 -9.83 1.53
N LEU A 150 -9.60 -8.63 1.04
CA LEU A 150 -8.70 -7.90 0.16
C LEU A 150 -7.96 -6.88 1.02
N LEU A 151 -6.67 -7.11 1.22
CA LEU A 151 -5.80 -6.16 1.91
C LEU A 151 -5.26 -5.20 0.85
N ALA A 152 -5.70 -3.95 0.92
CA ALA A 152 -5.36 -2.92 -0.05
C ALA A 152 -4.59 -1.83 0.68
N GLY A 153 -3.96 -0.96 -0.11
CA GLY A 153 -3.19 0.11 0.49
C GLY A 153 -2.58 1.01 -0.55
N SER A 154 -2.33 2.27 -0.19
CA SER A 154 -1.75 3.24 -1.11
C SER A 154 -0.45 3.80 -0.55
N SER A 155 0.53 3.96 -1.43
N SER A 155 0.53 3.98 -1.44
CA SER A 155 1.81 4.57 -1.09
CA SER A 155 1.83 4.58 -1.13
C SER A 155 2.55 3.71 -0.07
C SER A 155 2.52 3.72 -0.07
N ALA A 156 2.91 4.25 1.10
CA ALA A 156 3.48 3.41 2.14
C ALA A 156 2.54 2.25 2.48
N GLY A 157 1.22 2.48 2.36
CA GLY A 157 0.27 1.39 2.56
C GLY A 157 0.31 0.34 1.48
N GLY A 158 0.65 0.74 0.25
CA GLY A 158 0.84 -0.22 -0.83
C GLY A 158 2.02 -1.14 -0.58
N THR A 159 3.15 -0.57 -0.17
CA THR A 159 4.26 -1.41 0.24
C THR A 159 3.86 -2.26 1.45
N GLY A 160 3.07 -1.69 2.37
CA GLY A 160 2.55 -2.46 3.49
C GLY A 160 1.76 -3.69 3.08
N VAL A 161 1.00 -3.60 1.98
CA VAL A 161 0.30 -4.78 1.47
C VAL A 161 1.30 -5.87 1.12
N LEU A 162 2.34 -5.52 0.37
CA LEU A 162 3.34 -6.49 -0.05
C LEU A 162 4.03 -7.13 1.15
N LEU A 163 4.27 -6.34 2.20
CA LEU A 163 4.97 -6.85 3.38
C LEU A 163 4.07 -7.73 4.26
N ASN A 164 2.75 -7.54 4.21
CA ASN A 164 1.88 -8.14 5.19
C ASN A 164 0.80 -9.09 4.66
N VAL A 165 0.55 -9.12 3.34
CA VAL A 165 -0.59 -9.92 2.84
C VAL A 165 -0.43 -11.40 3.22
N ASP A 166 0.78 -11.96 3.07
CA ASP A 166 0.95 -13.37 3.41
C ASP A 166 0.90 -13.62 4.91
N ARG A 167 1.25 -12.62 5.72
CA ARG A 167 1.12 -12.79 7.17
C ARG A 167 -0.34 -12.80 7.59
N VAL A 168 -1.17 -11.98 6.96
CA VAL A 168 -2.61 -12.06 7.22
C VAL A 168 -3.13 -13.44 6.84
N ALA A 169 -2.72 -13.96 5.68
CA ALA A 169 -3.15 -15.29 5.27
C ALA A 169 -2.73 -16.34 6.30
N GLU A 170 -1.46 -16.28 6.74
CA GLU A 170 -0.97 -17.25 7.71
C GLU A 170 -1.70 -17.11 9.05
N GLN A 171 -2.00 -15.88 9.44
CA GLN A 171 -2.71 -15.63 10.70
C GLN A 171 -4.11 -16.24 10.67
N LEU A 172 -4.86 -16.01 9.58
CA LEU A 172 -6.19 -16.59 9.48
C LEU A 172 -6.14 -18.12 9.45
N GLU A 173 -5.13 -18.68 8.77
CA GLU A 173 -5.00 -20.13 8.74
C GLU A 173 -4.77 -20.69 10.13
N LYS A 174 -3.91 -20.04 10.92
CA LYS A 174 -3.60 -20.53 12.26
C LYS A 174 -4.74 -20.29 13.24
N LEU A 175 -5.59 -19.30 12.98
CA LEU A 175 -6.78 -19.07 13.79
C LEU A 175 -7.94 -19.99 13.41
N GLY A 176 -7.77 -20.82 12.39
CA GLY A 176 -8.80 -21.77 12.01
C GLY A 176 -9.79 -21.29 10.97
N TYR A 177 -9.39 -20.34 10.12
CA TYR A 177 -10.22 -19.81 9.06
C TYR A 177 -9.57 -20.03 7.70
N PRO A 178 -9.35 -21.29 7.30
CA PRO A 178 -8.66 -21.52 6.02
C PRO A 178 -9.49 -21.18 4.79
N ALA A 179 -10.80 -20.96 4.94
CA ALA A 179 -11.65 -20.69 3.79
C ALA A 179 -11.67 -19.21 3.38
N ILE A 180 -11.16 -18.30 4.20
CA ILE A 180 -11.11 -16.90 3.81
C ILE A 180 -9.97 -16.74 2.81
N GLN A 181 -10.28 -16.28 1.60
CA GLN A 181 -9.25 -16.08 0.59
C GLN A 181 -8.66 -14.69 0.79
N VAL A 182 -7.37 -14.65 1.16
CA VAL A 182 -6.66 -13.39 1.37
C VAL A 182 -5.98 -12.99 0.08
N ARG A 183 -6.17 -11.74 -0.33
CA ARG A 183 -5.60 -11.20 -1.55
C ARG A 183 -5.07 -9.79 -1.24
N GLY A 184 -4.20 -9.30 -2.11
CA GLY A 184 -3.60 -8.00 -1.91
C GLY A 184 -3.80 -7.09 -3.10
N LEU A 185 -3.95 -5.79 -2.81
CA LEU A 185 -4.04 -4.74 -3.82
C LEU A 185 -3.05 -3.66 -3.40
N ALA A 186 -1.90 -3.60 -4.06
CA ALA A 186 -0.83 -2.67 -3.71
C ALA A 186 -0.84 -1.52 -4.70
N ASP A 187 -1.22 -0.33 -4.21
CA ASP A 187 -1.33 0.88 -5.01
C ASP A 187 -0.16 1.82 -4.66
N SER A 188 0.64 2.16 -5.67
CA SER A 188 1.68 3.18 -5.50
C SER A 188 2.71 2.79 -4.45
N GLY A 189 2.95 1.48 -4.33
CA GLY A 189 3.91 0.97 -3.38
C GLY A 189 5.02 0.14 -3.99
N TRP A 190 5.21 0.25 -5.30
CA TRP A 190 6.12 -0.59 -6.09
C TRP A 190 7.24 0.33 -6.58
N PHE A 191 8.34 0.34 -5.81
CA PHE A 191 9.44 1.28 -6.00
C PHE A 191 10.68 0.59 -6.53
N LEU A 192 11.56 1.40 -7.11
CA LEU A 192 12.83 0.93 -7.65
C LEU A 192 13.95 1.47 -6.79
N ASP A 193 14.88 0.59 -6.43
CA ASP A 193 16.11 0.98 -5.73
C ASP A 193 17.17 1.42 -6.74
N ASN A 194 16.85 2.51 -7.42
CA ASN A 194 17.63 2.99 -8.55
C ASN A 194 18.56 4.12 -8.13
N LYS A 195 19.37 4.58 -9.08
CA LYS A 195 20.25 5.72 -8.81
C LYS A 195 19.44 7.01 -8.92
N GLN A 196 19.74 7.93 -8.01
CA GLN A 196 19.13 9.26 -8.06
C GLN A 196 19.61 10.01 -9.31
N TYR A 197 18.76 10.92 -9.79
CA TYR A 197 19.14 11.75 -10.92
C TYR A 197 20.24 12.73 -10.53
N ARG A 198 20.15 13.32 -9.34
CA ARG A 198 21.25 14.05 -8.70
C ARG A 198 21.36 13.55 -7.26
N HIS A 199 22.58 13.35 -6.80
CA HIS A 199 22.80 12.65 -5.54
C HIS A 199 22.69 13.60 -4.36
N THR A 200 21.98 13.17 -3.32
CA THR A 200 21.86 13.92 -2.09
C THR A 200 22.38 13.08 -0.92
N CYS A 202 21.82 11.59 2.54
CA CYS A 202 20.55 11.21 3.14
C CYS A 202 20.29 12.00 4.42
N THR A 207 13.99 13.13 0.40
CA THR A 207 14.95 13.08 -0.70
C THR A 207 16.11 12.13 -0.43
N CYS A 208 16.01 11.37 0.66
CA CYS A 208 16.99 10.31 0.91
C CYS A 208 16.82 9.20 -0.12
N ALA A 209 17.94 8.71 -0.63
CA ALA A 209 17.90 7.67 -1.66
C ALA A 209 17.07 6.49 -1.18
N PRO A 210 16.31 5.84 -2.07
CA PRO A 210 15.42 4.75 -1.60
C PRO A 210 16.13 3.64 -0.86
N THR A 211 17.30 3.20 -1.35
CA THR A 211 18.03 2.14 -0.67
C THR A 211 18.43 2.55 0.75
N GLU A 212 18.97 3.76 0.91
CA GLU A 212 19.47 4.18 2.21
C GLU A 212 18.33 4.42 3.20
N ALA A 213 17.20 4.95 2.70
CA ALA A 213 16.06 5.21 3.59
C ALA A 213 15.60 3.94 4.28
N ILE A 214 15.44 2.86 3.50
CA ILE A 214 14.85 1.65 4.06
C ILE A 214 15.85 0.94 4.99
N ARG A 215 17.13 0.95 4.64
CA ARG A 215 18.12 0.29 5.49
C ARG A 215 18.13 0.87 6.89
N ARG A 216 18.08 2.20 7.01
CA ARG A 216 18.07 2.84 8.32
C ARG A 216 16.76 2.56 9.06
N GLY A 217 15.63 2.69 8.37
CA GLY A 217 14.35 2.53 9.03
C GLY A 217 14.15 1.14 9.60
N ILE A 218 14.50 0.11 8.82
CA ILE A 218 14.23 -1.25 9.26
C ILE A 218 14.93 -1.54 10.59
N ARG A 219 16.12 -0.98 10.80
CA ARG A 219 16.80 -1.17 12.08
C ARG A 219 16.13 -0.36 13.18
N TYR A 220 15.71 0.87 12.89
CA TYR A 220 15.09 1.73 13.89
C TYR A 220 13.72 1.20 14.31
N TRP A 221 13.01 0.56 13.39
CA TRP A 221 11.64 0.11 13.62
C TRP A 221 11.56 -1.31 14.16
N ASN A 222 12.65 -2.06 14.14
CA ASN A 222 12.60 -3.51 14.26
C ASN A 222 11.64 -4.07 13.21
N GLY A 223 11.85 -3.67 11.96
CA GLY A 223 10.93 -4.02 10.91
C GLY A 223 11.00 -5.49 10.53
N VAL A 224 9.85 -6.04 10.15
CA VAL A 224 9.75 -7.43 9.74
C VAL A 224 9.29 -7.50 8.30
N VAL A 225 9.79 -8.53 7.60
CA VAL A 225 9.51 -8.72 6.19
C VAL A 225 8.95 -10.13 6.00
N PRO A 226 8.36 -10.44 4.84
CA PRO A 226 7.82 -11.79 4.63
C PRO A 226 8.92 -12.85 4.70
N GLU A 227 8.55 -14.02 5.25
CA GLU A 227 9.52 -15.04 5.62
C GLU A 227 10.31 -15.56 4.42
N ARG A 228 9.63 -15.85 3.31
CA ARG A 228 10.37 -16.40 2.17
C ARG A 228 11.35 -15.37 1.61
N CYS A 229 10.95 -14.11 1.59
CA CYS A 229 11.87 -13.07 1.16
C CYS A 229 13.03 -12.92 2.13
N ARG A 230 12.74 -12.98 3.44
CA ARG A 230 13.79 -12.91 4.46
C ARG A 230 14.79 -14.04 4.29
N ARG A 231 14.31 -15.24 3.97
CA ARG A 231 15.20 -16.39 3.82
C ARG A 231 16.10 -16.25 2.60
N GLN A 232 15.64 -15.54 1.56
CA GLN A 232 16.49 -15.30 0.39
C GLN A 232 17.57 -14.27 0.70
N PHE A 233 17.19 -13.13 1.27
CA PHE A 233 18.14 -12.05 1.42
C PHE A 233 18.99 -12.15 2.69
N GLN A 234 18.43 -12.73 3.74
CA GLN A 234 19.09 -13.03 5.01
C GLN A 234 19.48 -11.80 5.84
N GLU A 235 20.18 -12.03 6.95
CA GLU A 235 20.43 -11.01 7.95
C GLU A 235 21.14 -9.81 7.35
N GLY A 236 20.69 -8.62 7.74
CA GLY A 236 21.26 -7.38 7.28
C GLY A 236 20.78 -6.94 5.91
N GLU A 237 20.10 -7.80 5.16
CA GLU A 237 19.69 -7.47 3.80
C GLU A 237 18.18 -7.48 3.63
N GLU A 238 17.42 -7.50 4.73
CA GLU A 238 15.97 -7.54 4.63
C GLU A 238 15.39 -6.28 4.00
N TRP A 239 16.14 -5.18 3.94
CA TRP A 239 15.66 -3.99 3.27
C TRP A 239 15.23 -4.28 1.83
N ASN A 240 15.84 -5.28 1.20
CA ASN A 240 15.50 -5.66 -0.17
C ASN A 240 14.03 -6.00 -0.30
N CYS A 241 13.43 -6.53 0.76
CA CYS A 241 12.05 -7.00 0.70
C CYS A 241 11.03 -5.87 0.71
N PHE A 242 11.47 -4.62 0.88
CA PHE A 242 10.58 -3.48 0.73
C PHE A 242 10.39 -3.09 -0.72
N PHE A 243 11.13 -3.70 -1.64
CA PHE A 243 11.05 -3.35 -3.05
C PHE A 243 10.22 -4.39 -3.79
N GLY A 244 9.08 -3.93 -4.34
CA GLY A 244 8.08 -4.82 -4.91
C GLY A 244 8.63 -5.88 -5.83
N TYR A 245 9.49 -5.50 -6.78
CA TYR A 245 9.96 -6.47 -7.77
C TYR A 245 10.79 -7.59 -7.13
N LYS A 246 11.31 -7.38 -5.92
CA LYS A 246 12.06 -8.40 -5.19
C LYS A 246 11.18 -9.22 -4.26
N VAL A 247 10.21 -8.59 -3.60
CA VAL A 247 9.37 -9.31 -2.64
C VAL A 247 8.22 -10.03 -3.33
N TYR A 248 7.65 -9.44 -4.38
CA TYR A 248 6.50 -10.03 -5.06
C TYR A 248 6.69 -11.50 -5.46
N PRO A 249 7.81 -11.91 -6.09
CA PRO A 249 7.94 -13.32 -6.48
C PRO A 249 7.97 -14.28 -5.31
N THR A 250 8.16 -13.79 -4.10
CA THR A 250 8.17 -14.68 -2.93
C THR A 250 6.80 -14.86 -2.31
N LEU A 251 5.79 -14.11 -2.77
CA LEU A 251 4.49 -14.09 -2.12
C LEU A 251 3.59 -15.18 -2.67
N ARG A 252 2.74 -15.72 -1.80
CA ARG A 252 1.79 -16.74 -2.21
C ARG A 252 0.38 -16.22 -2.45
N SER A 253 -0.05 -15.19 -1.73
CA SER A 253 -1.38 -14.65 -1.94
C SER A 253 -1.43 -13.91 -3.29
N PRO A 254 -2.57 -13.97 -3.97
CA PRO A 254 -2.73 -13.17 -5.20
C PRO A 254 -2.61 -11.68 -4.90
N VAL A 255 -1.78 -10.97 -5.68
CA VAL A 255 -1.56 -9.54 -5.47
C VAL A 255 -1.72 -8.80 -6.79
N PHE A 256 -2.64 -7.82 -6.81
CA PHE A 256 -2.82 -6.93 -7.94
C PHE A 256 -1.99 -5.68 -7.68
N VAL A 257 -1.16 -5.29 -8.64
CA VAL A 257 -0.22 -4.17 -8.48
C VAL A 257 -0.70 -3.00 -9.31
N VAL A 258 -0.95 -1.85 -8.67
CA VAL A 258 -1.27 -0.60 -9.35
C VAL A 258 -0.09 0.33 -9.15
N GLN A 259 0.48 0.84 -10.25
CA GLN A 259 1.65 1.72 -10.11
C GLN A 259 1.72 2.66 -11.30
N TRP A 260 1.69 3.97 -11.03
CA TRP A 260 2.00 4.92 -12.10
C TRP A 260 3.43 4.68 -12.56
N LEU A 261 3.66 4.76 -13.87
CA LEU A 261 5.01 4.51 -14.39
C LEU A 261 5.98 5.61 -13.96
N PHE A 262 5.48 6.82 -13.72
CA PHE A 262 6.30 7.95 -13.30
C PHE A 262 5.75 8.45 -11.96
N ASP A 263 5.88 7.61 -10.95
CA ASP A 263 5.30 7.91 -9.64
C ASP A 263 6.01 9.10 -8.99
N GLU A 264 5.22 10.05 -8.48
CA GLU A 264 5.79 11.27 -7.92
C GLU A 264 6.68 10.98 -6.71
N ALA A 265 6.31 10.00 -5.89
CA ALA A 265 7.17 9.68 -4.74
C ALA A 265 8.49 9.05 -5.19
N GLN A 266 8.45 8.19 -6.21
CA GLN A 266 9.68 7.65 -6.80
C GLN A 266 10.57 8.78 -7.30
N LEU A 267 10.00 9.74 -8.02
CA LEU A 267 10.80 10.84 -8.54
C LEU A 267 11.36 11.69 -7.40
N THR A 268 10.59 11.86 -6.32
CA THR A 268 11.07 12.64 -5.18
C THR A 268 12.30 12.01 -4.56
N VAL A 269 12.25 10.70 -4.27
CA VAL A 269 13.43 10.07 -3.70
C VAL A 269 14.57 10.03 -4.69
N ASP A 270 14.28 10.12 -5.99
CA ASP A 270 15.31 10.21 -7.03
C ASP A 270 15.81 11.62 -7.23
N ASN A 271 15.30 12.59 -6.46
CA ASN A 271 15.72 13.98 -6.55
C ASN A 271 15.45 14.57 -7.93
N VAL A 272 14.26 14.30 -8.48
CA VAL A 272 13.78 14.89 -9.72
C VAL A 272 12.66 15.87 -9.38
N HIS A 273 12.78 17.10 -9.86
CA HIS A 273 11.78 18.14 -9.64
C HIS A 273 11.49 18.82 -10.97
N LEU A 274 10.22 18.84 -11.36
CA LEU A 274 9.81 19.40 -12.64
C LEU A 274 9.21 20.79 -12.47
N PRO A 278 11.20 23.33 -18.82
CA PRO A 278 11.67 22.65 -20.03
C PRO A 278 12.77 21.63 -19.74
N VAL A 279 12.53 20.41 -20.19
CA VAL A 279 13.33 19.26 -19.79
C VAL A 279 14.43 19.02 -20.82
N GLN A 280 15.68 18.96 -20.35
CA GLN A 280 16.79 18.75 -21.26
C GLN A 280 17.12 17.26 -21.37
N GLU A 281 18.09 16.95 -22.24
CA GLU A 281 18.30 15.57 -22.69
C GLU A 281 18.57 14.62 -21.53
N GLY A 282 19.45 15.01 -20.60
CA GLY A 282 19.80 14.12 -19.51
C GLY A 282 18.61 13.73 -18.66
N LEU A 283 17.77 14.71 -18.33
CA LEU A 283 16.59 14.40 -17.52
C LEU A 283 15.52 13.68 -18.34
N ARG A 284 15.41 14.01 -19.64
CA ARG A 284 14.49 13.29 -20.49
C ARG A 284 14.84 11.81 -20.53
N LEU A 285 16.13 11.51 -20.73
CA LEU A 285 16.56 10.12 -20.76
C LEU A 285 16.35 9.45 -19.42
N TYR A 286 16.60 10.17 -18.32
CA TYR A 286 16.37 9.61 -17.00
C TYR A 286 14.91 9.20 -16.81
N ILE A 287 13.98 10.10 -17.15
CA ILE A 287 12.56 9.83 -16.96
C ILE A 287 12.10 8.68 -17.86
N GLN A 288 12.54 8.67 -19.12
CA GLN A 288 12.15 7.60 -20.02
C GLN A 288 12.70 6.25 -19.55
N ASN A 289 13.93 6.25 -19.04
CA ASN A 289 14.49 5.01 -18.53
CA ASN A 289 14.49 5.01 -18.53
C ASN A 289 13.76 4.52 -17.29
N LEU A 290 13.30 5.45 -16.45
CA LEU A 290 12.55 5.07 -15.26
C LEU A 290 11.26 4.36 -15.65
N GLY A 291 10.51 4.94 -16.59
CA GLY A 291 9.28 4.29 -17.04
C GLY A 291 9.54 2.93 -17.66
N ARG A 292 10.61 2.82 -18.45
CA ARG A 292 10.96 1.54 -19.06
C ARG A 292 11.33 0.50 -18.00
N GLU A 293 12.08 0.92 -16.98
CA GLU A 293 12.45 -0.01 -15.92
C GLU A 293 11.22 -0.47 -15.14
N LEU A 294 10.33 0.46 -14.81
CA LEU A 294 9.11 0.08 -14.10
C LEU A 294 8.31 -0.89 -14.95
N ARG A 295 8.10 -0.56 -16.21
CA ARG A 295 7.39 -1.46 -17.11
C ARG A 295 8.04 -2.84 -17.13
N HIS A 296 9.36 -2.90 -17.18
CA HIS A 296 10.05 -4.19 -17.20
C HIS A 296 9.76 -5.01 -15.95
N THR A 297 9.76 -4.37 -14.78
CA THR A 297 9.51 -5.12 -13.55
C THR A 297 8.10 -5.66 -13.46
N LEU A 298 7.17 -5.12 -14.25
CA LEU A 298 5.79 -5.59 -14.24
C LEU A 298 5.49 -6.61 -15.32
N LYS A 299 6.48 -6.97 -16.15
CA LYS A 299 6.22 -7.79 -17.33
C LYS A 299 5.59 -9.13 -16.96
N ASP A 300 6.03 -9.71 -15.84
CA ASP A 300 5.54 -11.02 -15.38
C ASP A 300 4.65 -10.89 -14.16
N VAL A 301 4.03 -9.74 -13.95
CA VAL A 301 3.02 -9.56 -12.92
C VAL A 301 1.68 -9.65 -13.62
N PRO A 302 0.95 -10.76 -13.51
CA PRO A 302 -0.25 -10.93 -14.36
C PRO A 302 -1.39 -10.00 -14.02
N ALA A 303 -1.52 -9.56 -12.77
CA ALA A 303 -2.60 -8.64 -12.38
C ALA A 303 -1.96 -7.30 -12.04
N SER A 304 -2.06 -6.36 -12.98
CA SER A 304 -1.40 -5.07 -12.76
C SER A 304 -2.05 -3.99 -13.62
N PHE A 305 -1.92 -2.76 -13.15
CA PHE A 305 -2.51 -1.59 -13.80
C PHE A 305 -1.48 -0.47 -13.66
N ALA A 306 -0.84 -0.10 -14.76
CA ALA A 306 0.32 0.78 -14.70
C ALA A 306 0.25 1.83 -15.80
N PRO A 307 -0.42 2.95 -15.53
CA PRO A 307 -0.57 3.99 -16.56
C PRO A 307 0.63 4.91 -16.61
N ALA A 308 0.88 5.42 -17.82
CA ALA A 308 2.02 6.30 -18.08
C ALA A 308 1.68 7.74 -17.67
N CYS A 309 1.63 7.94 -16.36
CA CYS A 309 1.28 9.23 -15.78
C CYS A 309 2.26 9.62 -14.69
N LEU A 310 2.44 10.92 -14.54
CA LEU A 310 3.12 11.50 -13.40
C LEU A 310 2.07 11.82 -12.33
N SER A 311 2.01 11.02 -11.28
CA SER A 311 0.97 11.13 -10.26
C SER A 311 1.37 10.28 -9.04
N HIS A 312 0.45 10.15 -8.07
CA HIS A 312 0.74 9.37 -6.88
C HIS A 312 -0.55 8.95 -6.18
N GLU A 313 -0.70 7.64 -5.96
CA GLU A 313 -1.91 7.00 -5.41
C GLU A 313 -3.06 7.05 -6.42
N ILE A 314 -4.05 6.16 -6.25
CA ILE A 314 -5.24 6.18 -7.11
C ILE A 314 -6.48 5.63 -6.41
N ILE A 315 -6.32 4.57 -5.59
CA ILE A 315 -7.51 3.77 -5.32
C ILE A 315 -8.52 4.44 -4.39
N ILE A 316 -8.12 5.36 -3.51
CA ILE A 316 -9.11 6.02 -2.65
C ILE A 316 -9.50 7.42 -3.15
N ARG A 317 -9.08 7.79 -4.35
CA ARG A 317 -9.52 9.04 -4.95
C ARG A 317 -10.93 8.91 -5.51
N SER A 318 -11.73 9.97 -5.35
CA SER A 318 -13.12 9.88 -5.79
C SER A 318 -13.24 9.65 -7.29
N HIS A 319 -12.29 10.17 -8.07
CA HIS A 319 -12.31 10.01 -9.52
C HIS A 319 -11.37 8.90 -10.01
N TRP A 320 -11.13 7.91 -9.16
CA TRP A 320 -10.28 6.78 -9.54
C TRP A 320 -10.82 6.01 -10.74
N THR A 321 -12.10 6.17 -11.05
CA THR A 321 -12.72 5.47 -12.18
C THR A 321 -12.29 6.02 -13.52
N ASP A 322 -11.68 7.22 -13.56
CA ASP A 322 -11.47 7.92 -14.82
C ASP A 322 -10.30 7.37 -15.63
N VAL A 323 -9.23 6.92 -14.98
CA VAL A 323 -8.04 6.49 -15.72
C VAL A 323 -8.30 5.15 -16.40
N GLN A 324 -7.78 5.01 -17.62
CA GLN A 324 -7.88 3.77 -18.37
C GLN A 324 -6.54 3.44 -18.98
N VAL A 325 -6.25 2.15 -19.08
CA VAL A 325 -5.11 1.64 -19.84
C VAL A 325 -5.68 0.73 -20.93
N LYS A 326 -5.31 1.01 -22.17
CA LYS A 326 -5.82 0.23 -23.30
C LYS A 326 -7.36 0.16 -23.29
N GLY A 327 -7.99 1.25 -22.85
CA GLY A 327 -9.44 1.34 -22.82
C GLY A 327 -10.14 0.67 -21.66
N THR A 328 -9.40 0.17 -20.66
CA THR A 328 -9.97 -0.51 -19.52
C THR A 328 -9.68 0.30 -18.25
N SER A 329 -10.72 0.57 -17.46
CA SER A 329 -10.53 1.29 -16.21
C SER A 329 -10.00 0.35 -15.12
N LEU A 330 -9.51 0.96 -14.03
CA LEU A 330 -9.07 0.15 -12.90
C LEU A 330 -10.21 -0.62 -12.24
N PRO A 331 -11.38 -0.03 -11.97
CA PRO A 331 -12.46 -0.85 -11.41
C PRO A 331 -12.82 -2.03 -12.30
N ARG A 332 -12.79 -1.85 -13.62
CA ARG A 332 -13.03 -2.98 -14.51
C ARG A 332 -11.94 -4.04 -14.38
N ALA A 333 -10.67 -3.62 -14.40
CA ALA A 333 -9.57 -4.59 -14.27
C ALA A 333 -9.67 -5.39 -12.98
N LEU A 334 -10.04 -4.72 -11.88
CA LEU A 334 -10.18 -5.42 -10.60
C LEU A 334 -11.34 -6.41 -10.65
N HIS A 335 -12.46 -6.02 -11.29
CA HIS A 335 -13.55 -6.95 -11.52
C HIS A 335 -13.08 -8.15 -12.36
N CYS A 336 -12.29 -7.90 -13.40
CA CYS A 336 -11.78 -9.01 -14.20
C CYS A 336 -10.88 -9.91 -13.36
N TRP A 337 -10.08 -9.31 -12.48
CA TRP A 337 -9.26 -10.07 -11.55
C TRP A 337 -10.12 -10.99 -10.69
N ASP A 338 -11.21 -10.43 -10.12
CA ASP A 338 -12.15 -11.25 -9.34
C ASP A 338 -12.62 -12.44 -10.14
N ARG A 339 -13.01 -12.21 -11.40
CA ARG A 339 -13.47 -13.31 -12.25
C ARG A 339 -12.37 -14.33 -12.48
N SER A 340 -11.14 -13.86 -12.70
CA SER A 340 -10.02 -14.76 -12.95
C SER A 340 -9.73 -15.66 -11.75
N LEU A 341 -10.11 -15.24 -10.55
CA LEU A 341 -9.85 -16.01 -9.33
C LEU A 341 -11.01 -16.90 -8.90
N HIS A 342 -12.06 -17.01 -9.71
CA HIS A 342 -13.14 -17.96 -9.43
C HIS A 342 -12.62 -19.38 -9.36
N THR A 350 -6.97 -19.51 -17.64
CA THR A 350 -7.46 -19.06 -18.95
C THR A 350 -7.90 -17.59 -18.91
N PRO A 351 -7.54 -16.83 -19.94
CA PRO A 351 -7.90 -15.41 -19.97
C PRO A 351 -9.37 -15.23 -20.32
N LEU A 352 -9.88 -14.07 -19.94
CA LEU A 352 -11.28 -13.74 -20.12
C LEU A 352 -11.43 -12.85 -21.35
N LYS A 353 -12.40 -13.17 -22.19
CA LYS A 353 -12.67 -12.40 -23.39
C LYS A 353 -13.05 -10.97 -23.02
N GLY A 354 -12.24 -10.00 -23.44
CA GLY A 354 -12.56 -8.60 -23.19
C GLY A 354 -12.54 -8.18 -21.74
N CYS A 355 -11.92 -8.97 -20.85
CA CYS A 355 -11.85 -8.65 -19.43
C CYS A 355 -10.41 -8.82 -18.97
N PRO A 356 -9.55 -7.88 -19.31
CA PRO A 356 -8.12 -8.06 -19.06
C PRO A 356 -7.72 -7.68 -17.64
N VAL A 357 -6.64 -8.31 -17.19
N VAL A 357 -6.63 -8.30 -17.18
CA VAL A 357 -6.09 -8.08 -15.87
CA VAL A 357 -6.09 -8.04 -15.85
C VAL A 357 -4.68 -7.50 -15.89
C VAL A 357 -4.68 -7.51 -15.88
N HIS A 358 -3.94 -7.64 -17.00
CA HIS A 358 -2.58 -7.13 -17.12
C HIS A 358 -2.64 -5.91 -18.04
N LEU A 359 -2.50 -4.72 -17.46
CA LEU A 359 -2.70 -3.46 -18.18
C LEU A 359 -1.55 -2.52 -17.87
N VAL A 360 -0.52 -2.55 -18.70
CA VAL A 360 0.68 -1.74 -18.51
C VAL A 360 0.87 -0.88 -19.75
N ASP A 361 0.94 0.44 -19.57
CA ASP A 361 1.15 1.32 -20.72
C ASP A 361 2.53 1.08 -21.31
N SER A 362 2.63 1.27 -22.63
CA SER A 362 3.92 1.17 -23.30
C SER A 362 4.43 2.51 -23.80
N CYS A 363 3.63 3.56 -23.73
CA CYS A 363 4.12 4.83 -24.24
C CYS A 363 5.06 5.46 -23.22
N PRO A 364 6.06 6.23 -23.67
CA PRO A 364 7.27 6.44 -22.85
C PRO A 364 7.37 7.76 -22.10
N TRP A 365 6.32 8.57 -21.99
CA TRP A 365 6.45 9.89 -21.37
C TRP A 365 5.20 10.21 -20.56
N PRO A 366 5.33 10.85 -19.40
CA PRO A 366 4.13 11.15 -18.62
C PRO A 366 3.06 11.87 -19.42
N HIS A 367 1.81 11.41 -19.25
CA HIS A 367 0.63 11.95 -19.91
C HIS A 367 0.54 11.58 -21.38
N CYS A 368 1.35 10.62 -21.84
CA CYS A 368 1.12 10.06 -23.16
C CYS A 368 -0.16 9.23 -23.18
N ASN A 369 -0.67 8.88 -22.01
CA ASN A 369 -2.01 8.34 -21.84
C ASN A 369 -2.97 9.51 -21.64
N PRO A 370 -3.97 9.70 -22.50
CA PRO A 370 -4.84 10.88 -22.37
C PRO A 370 -5.71 10.87 -21.13
N SER A 371 -5.87 9.72 -20.46
CA SER A 371 -6.76 9.63 -19.30
C SER A 371 -6.04 9.89 -17.98
N CYS A 372 -4.78 10.33 -18.02
CA CYS A 372 -4.04 10.61 -16.80
C CYS A 372 -4.74 11.69 -15.99
N PRO A 373 -4.60 11.66 -14.66
CA PRO A 373 -5.21 12.72 -13.83
C PRO A 373 -4.69 14.09 -14.25
N THR A 374 -5.60 15.07 -14.23
CA THR A 374 -5.27 16.40 -14.72
C THR A 374 -4.45 17.20 -13.73
N GLY A 375 -4.57 16.87 -12.44
CA GLY A 375 -3.94 17.68 -11.40
C GLY A 375 -4.84 18.83 -11.02
S SO4 B . -1.64 17.20 12.64
O1 SO4 B . -0.23 17.50 12.92
O2 SO4 B . -2.21 18.24 11.79
O3 SO4 B . -1.76 15.91 11.97
O4 SO4 B . -2.37 17.16 13.92
S SO4 C . 14.96 7.13 20.25
O1 SO4 C . 16.09 6.65 19.43
O2 SO4 C . 15.36 8.31 21.03
O3 SO4 C . 13.84 7.44 19.38
O4 SO4 C . 14.59 6.07 21.19
C1 NAG D . -2.07 -7.71 22.46
C2 NAG D . -2.24 -9.22 22.64
C3 NAG D . -0.90 -9.88 22.97
C4 NAG D . 0.15 -9.49 21.93
C5 NAG D . 0.21 -7.97 21.78
C6 NAG D . 1.13 -7.51 20.68
C7 NAG D . -4.38 -10.13 23.44
C8 NAG D . -5.27 -10.35 24.62
N2 NAG D . -3.21 -9.52 23.69
O3 NAG D . -1.06 -11.29 22.98
O4 NAG D . 1.43 -9.97 22.33
O5 NAG D . -1.10 -7.47 21.45
O6 NAG D . 0.65 -7.88 19.41
O7 NAG D . -4.70 -10.49 22.31
C11 7T0 E . 9.93 3.70 -0.82
C01 7T0 E . 7.84 4.59 -0.02
C05 7T0 E . 5.66 7.42 -0.05
C06 7T0 E . 6.65 6.66 -0.64
C07 7T0 E . 7.42 3.37 0.44
C08 7T0 E . 8.27 2.30 0.27
C09 7T0 E . 9.49 2.46 -0.33
C12 7T0 E . 11.30 3.89 -1.48
C16 7T0 E . 9.07 4.76 -0.64
F13 7T0 E . 11.90 5.00 -0.95
F14 7T0 E . 11.23 4.08 -2.82
F15 7T0 E . 12.10 2.82 -1.24
N02 7T0 E . 6.91 5.65 0.17
N03 7T0 E . 6.11 5.73 1.26
N04 7T0 E . 5.33 6.84 1.11
CL10 7T0 E . 10.49 1.02 -0.51
CL17 7T0 E . 9.54 6.35 -1.26
S DMS F . 1.24 -13.39 -6.96
O DMS F . -0.07 -12.68 -7.28
C1 DMS F . 0.92 -14.99 -6.17
C2 DMS F . 2.04 -12.53 -5.58
S SO4 G . 17.25 19.93 -14.17
O1 SO4 G . 17.95 21.19 -13.91
O2 SO4 G . 16.91 19.29 -12.89
O3 SO4 G . 18.11 19.07 -14.96
O4 SO4 G . 16.01 20.21 -14.90
S SO4 H . 10.29 -22.29 1.36
O1 SO4 H . 11.30 -22.83 2.27
O2 SO4 H . 10.93 -21.50 0.30
O3 SO4 H . 9.52 -23.35 0.75
O4 SO4 H . 9.47 -21.36 2.15
S SO4 I . 6.37 -14.53 9.30
O1 SO4 I . 7.40 -15.22 10.07
O2 SO4 I . 7.01 -13.55 8.42
O3 SO4 I . 5.47 -13.82 10.21
O4 SO4 I . 5.62 -15.52 8.51
#